data_8OW4
#
_entry.id   8OW4
#
_cell.length_a   101.497
_cell.length_b   94.426
_cell.length_c   129.449
_cell.angle_alpha   90.000
_cell.angle_beta   93.568
_cell.angle_gamma   90.000
#
_symmetry.space_group_name_H-M   'I 1 2 1'
#
loop_
_entity.id
_entity.type
_entity.pdbx_description
1 polymer 'Nuclear factor of activated T-cells, cytoplasmic 2'
2 polymer "DNA (5'-D(*TP*TP*GP*CP*TP*GP*GP*AP*AP*AP*AP*AP*TP*AP*G)-3')"
3 polymer "DNA (5'-D(*AP*AP*CP*TP*AP*TP*TP*TP*TP*TP*CP*CP*AP*GP*C)-3')"
4 water water
#
loop_
_entity_poly.entity_id
_entity_poly.type
_entity_poly.pdbx_seq_one_letter_code
_entity_poly.pdbx_strand_id
1 'polypeptide(L)'
;MAHHHHHHVGTASLPPLEWPLSSQSGSYELRIEVQPKPHHRAHYETEGSRGAVKAPTGGHPVVQLHGYMENKPLGLQIFI
GTADERILKPHAFYQVHRITGKTVTTTSYEKIVGNTKVLEIPLEPKNNMRATIDCAGILKLRNADIELRKGETDIGRKNT
RVRLVFRVHIPESSGRIVSLQTASNPIECSQRSAHELPMVERQDTDSCLVYGGQQMILTGQNFTSESKVVFTEKTTDGQQ
IWEMEATVDKDKSQPNMLFVEIPEYRNKHIRTPVKVNFYVINGKRKRSQPQHFTYHPV
;
A,B
2 'polydeoxyribonucleotide' (DT)(DT)(DG)(DC)(DT)(DG)(DG)(DA)(DA)(DA)(DA)(DA)(DT)(DA)(DG) W,G
3 'polydeoxyribonucleotide' (DA)(DA)(DC)(DT)(DA)(DT)(DT)(DT)(DT)(DT)(DC)(DC)(DA)(DG)(DC) C,H
#
loop_
_chem_comp.id
_chem_comp.type
_chem_comp.name
_chem_comp.formula
DA DNA linking 2'-DEOXYADENOSINE-5'-MONOPHOSPHATE 'C10 H14 N5 O6 P'
DC DNA linking 2'-DEOXYCYTIDINE-5'-MONOPHOSPHATE 'C9 H14 N3 O7 P'
DG DNA linking 2'-DEOXYGUANOSINE-5'-MONOPHOSPHATE 'C10 H14 N5 O7 P'
DT DNA linking THYMIDINE-5'-MONOPHOSPHATE 'C10 H15 N2 O8 P'
#
# COMPACT_ATOMS: atom_id res chain seq x y z
N PRO A 15 -2.44 -16.48 -9.65
CA PRO A 15 -1.19 -17.10 -10.21
C PRO A 15 0.03 -16.16 -10.20
N PRO A 16 1.06 -16.45 -9.37
CA PRO A 16 2.13 -15.48 -9.15
C PRO A 16 2.90 -15.15 -10.42
N LEU A 17 3.56 -14.00 -10.37
CA LEU A 17 4.35 -13.45 -11.47
C LEU A 17 5.55 -14.35 -11.74
N GLU A 18 5.99 -15.06 -10.70
CA GLU A 18 7.19 -15.88 -10.76
C GLU A 18 6.91 -17.17 -11.55
N TRP A 19 5.64 -17.58 -11.65
CA TRP A 19 5.26 -18.71 -12.50
C TRP A 19 5.47 -18.35 -13.95
N PRO A 20 6.01 -19.29 -14.75
CA PRO A 20 6.09 -19.13 -16.19
C PRO A 20 4.73 -19.47 -16.76
N LEU A 21 4.42 -18.86 -17.91
CA LEU A 21 3.17 -19.12 -18.59
C LEU A 21 3.47 -19.06 -20.08
N SER A 22 2.68 -19.78 -20.86
CA SER A 22 2.77 -19.72 -22.30
C SER A 22 2.19 -18.39 -22.77
N SER A 23 2.57 -17.96 -23.99
CA SER A 23 1.93 -16.81 -24.62
C SER A 23 0.61 -17.23 -25.26
N GLN A 24 0.43 -18.55 -25.42
CA GLN A 24 -0.81 -19.08 -26.00
C GLN A 24 -1.29 -20.33 -25.29
N SER A 25 -2.57 -20.64 -25.54
CA SER A 25 -3.28 -21.79 -25.02
C SER A 25 -4.53 -21.94 -25.87
N GLY A 26 -4.73 -23.13 -26.48
CA GLY A 26 -5.80 -23.32 -27.44
C GLY A 26 -5.68 -22.30 -28.58
N SER A 27 -6.80 -21.64 -28.89
CA SER A 27 -6.87 -20.65 -29.97
C SER A 27 -6.54 -19.23 -29.47
N TYR A 28 -6.33 -19.09 -28.15
CA TYR A 28 -5.93 -17.82 -27.57
C TYR A 28 -4.42 -17.63 -27.70
N GLU A 29 -4.01 -16.42 -28.12
CA GLU A 29 -2.60 -16.06 -28.17
C GLU A 29 -2.41 -14.58 -27.85
N LEU A 30 -1.57 -14.29 -26.85
CA LEU A 30 -1.17 -12.91 -26.52
C LEU A 30 0.15 -12.59 -27.20
N ARG A 31 0.16 -11.52 -28.03
CA ARG A 31 1.30 -11.24 -28.89
C ARG A 31 1.65 -9.75 -28.85
N ILE A 32 2.96 -9.47 -28.81
CA ILE A 32 3.49 -8.12 -28.95
C ILE A 32 3.55 -7.78 -30.44
N GLU A 33 2.73 -6.80 -30.85
CA GLU A 33 2.53 -6.46 -32.25
C GLU A 33 3.64 -5.50 -32.69
N VAL A 34 3.91 -4.47 -31.86
CA VAL A 34 5.05 -3.59 -32.04
C VAL A 34 5.95 -3.67 -30.80
N GLN A 35 7.24 -3.91 -31.00
CA GLN A 35 8.19 -4.07 -29.90
C GLN A 35 8.73 -2.73 -29.43
N PRO A 36 9.12 -2.59 -28.14
CA PRO A 36 9.76 -1.37 -27.63
C PRO A 36 11.10 -1.11 -28.30
N LYS A 37 11.56 0.14 -28.32
CA LYS A 37 12.95 0.43 -28.62
C LYS A 37 13.82 -0.49 -27.78
N PRO A 38 15.09 -0.73 -28.16
CA PRO A 38 16.01 -1.47 -27.29
C PRO A 38 16.63 -0.65 -26.16
N HIS A 39 16.56 0.69 -26.23
CA HIS A 39 17.07 1.58 -25.18
C HIS A 39 15.94 2.41 -24.58
N HIS A 40 15.72 2.27 -23.27
CA HIS A 40 14.93 3.26 -22.54
C HIS A 40 15.59 3.59 -21.20
N ARG A 41 16.14 4.80 -21.10
CA ARG A 41 16.72 5.30 -19.85
C ARG A 41 15.67 5.47 -18.74
N ALA A 42 15.78 4.67 -17.68
CA ALA A 42 14.88 4.75 -16.53
C ALA A 42 15.14 6.03 -15.74
N HIS A 43 14.22 6.38 -14.85
CA HIS A 43 14.39 7.55 -14.03
C HIS A 43 14.37 7.13 -12.57
N TYR A 44 14.99 7.93 -11.71
CA TYR A 44 14.98 7.64 -10.28
C TYR A 44 13.85 8.42 -9.60
N GLU A 45 13.49 7.99 -8.38
CA GLU A 45 12.59 8.73 -7.51
C GLU A 45 13.11 10.15 -7.25
N THR A 46 14.42 10.41 -7.34
CA THR A 46 14.94 11.75 -7.06
C THR A 46 14.95 12.63 -8.31
N GLU A 47 14.04 12.37 -9.26
CA GLU A 47 14.14 12.92 -10.60
C GLU A 47 12.70 13.04 -11.14
N GLY A 48 12.55 13.75 -12.26
CA GLY A 48 11.28 13.77 -12.96
C GLY A 48 11.16 12.53 -13.86
N SER A 49 9.91 12.21 -14.23
CA SER A 49 9.62 11.14 -15.19
C SER A 49 10.53 11.31 -16.41
N ARG A 50 11.06 10.18 -16.91
CA ARG A 50 11.73 10.21 -18.20
C ARG A 50 10.90 9.47 -19.24
N GLY A 51 9.57 9.52 -19.10
CA GLY A 51 8.68 9.31 -20.23
C GLY A 51 8.20 7.87 -20.38
N ALA A 52 7.26 7.66 -21.32
CA ALA A 52 6.76 6.34 -21.65
C ALA A 52 7.82 5.58 -22.43
N VAL A 53 7.79 4.26 -22.37
CA VAL A 53 8.58 3.45 -23.29
C VAL A 53 8.11 3.69 -24.72
N LYS A 54 9.06 4.10 -25.57
CA LYS A 54 8.79 4.43 -26.97
C LYS A 54 9.05 3.19 -27.84
N ALA A 55 8.50 3.18 -29.06
CA ALA A 55 8.84 2.17 -30.06
C ALA A 55 9.78 2.80 -31.08
N PRO A 56 10.53 2.03 -31.90
CA PRO A 56 11.44 2.63 -32.88
C PRO A 56 10.71 3.48 -33.92
N THR A 57 9.42 3.15 -34.18
CA THR A 57 8.57 3.96 -35.03
C THR A 57 8.74 5.43 -34.67
N GLY A 58 8.79 5.73 -33.36
CA GLY A 58 8.42 7.04 -32.85
C GLY A 58 7.00 7.01 -32.27
N GLY A 59 6.36 5.84 -32.34
CA GLY A 59 5.20 5.55 -31.52
C GLY A 59 5.62 4.72 -30.32
N HIS A 60 4.82 3.70 -30.03
CA HIS A 60 4.85 3.01 -28.75
C HIS A 60 4.59 1.53 -28.97
N PRO A 61 5.00 0.65 -28.04
CA PRO A 61 4.62 -0.75 -28.10
C PRO A 61 3.11 -0.95 -28.28
N VAL A 62 2.80 -2.06 -28.97
CA VAL A 62 1.43 -2.45 -29.23
C VAL A 62 1.32 -3.92 -28.87
N VAL A 63 0.23 -4.25 -28.19
CA VAL A 63 0.03 -5.61 -27.73
C VAL A 63 -1.36 -6.01 -28.20
N GLN A 64 -1.47 -7.28 -28.64
CA GLN A 64 -2.77 -7.79 -29.06
C GLN A 64 -2.97 -9.20 -28.53
N LEU A 65 -4.23 -9.48 -28.18
CA LEU A 65 -4.71 -10.80 -27.84
C LEU A 65 -5.60 -11.31 -28.96
N HIS A 66 -5.29 -12.53 -29.42
CA HIS A 66 -5.96 -13.16 -30.55
C HIS A 66 -6.84 -14.32 -30.07
N GLY A 67 -8.01 -14.46 -30.69
CA GLY A 67 -8.88 -15.59 -30.39
C GLY A 67 -9.80 -15.34 -29.20
N TYR A 68 -10.05 -14.05 -28.87
CA TYR A 68 -11.06 -13.71 -27.89
C TYR A 68 -12.30 -13.21 -28.62
N MET A 69 -13.42 -13.91 -28.41
CA MET A 69 -14.62 -13.78 -29.24
C MET A 69 -15.71 -13.02 -28.48
N GLU A 70 -15.57 -12.98 -27.14
CA GLU A 70 -16.58 -12.39 -26.28
C GLU A 70 -16.57 -10.87 -26.48
N ASN A 71 -17.54 -10.18 -25.87
CA ASN A 71 -17.74 -8.75 -26.04
C ASN A 71 -17.52 -7.98 -24.73
N LYS A 72 -16.84 -8.60 -23.74
CA LYS A 72 -16.53 -7.98 -22.47
C LYS A 72 -15.02 -7.79 -22.37
N PRO A 73 -14.54 -6.58 -22.01
CA PRO A 73 -13.10 -6.29 -22.08
C PRO A 73 -12.32 -6.91 -20.94
N LEU A 74 -11.00 -7.04 -21.12
CA LEU A 74 -10.14 -7.69 -20.15
C LEU A 74 -9.05 -6.72 -19.69
N GLY A 75 -8.50 -6.96 -18.50
CA GLY A 75 -7.32 -6.23 -18.09
C GLY A 75 -6.06 -6.80 -18.72
N LEU A 76 -5.22 -5.91 -19.27
CA LEU A 76 -3.83 -6.23 -19.56
C LEU A 76 -2.93 -5.72 -18.42
N GLN A 77 -2.20 -6.65 -17.78
CA GLN A 77 -1.22 -6.32 -16.75
C GLN A 77 0.16 -6.13 -17.34
N ILE A 78 0.90 -5.16 -16.79
CA ILE A 78 2.23 -4.81 -17.24
C ILE A 78 3.16 -4.74 -16.02
N PHE A 79 4.31 -5.42 -16.13
CA PHE A 79 5.36 -5.28 -15.14
C PHE A 79 6.71 -5.48 -15.83
N ILE A 80 7.77 -5.15 -15.09
CA ILE A 80 9.11 -5.15 -15.60
C ILE A 80 9.81 -6.39 -15.08
N GLY A 81 10.31 -7.23 -16.00
CA GLY A 81 10.98 -8.45 -15.60
C GLY A 81 12.43 -8.42 -15.99
N THR A 82 13.07 -9.56 -15.74
CA THR A 82 14.50 -9.75 -15.93
C THR A 82 14.77 -10.05 -17.40
N ALA A 83 16.02 -9.79 -17.84
CA ALA A 83 16.56 -10.27 -19.11
C ALA A 83 17.90 -10.97 -18.85
N ASP A 84 17.83 -12.10 -18.14
CA ASP A 84 19.01 -12.78 -17.64
C ASP A 84 18.95 -14.23 -18.15
N GLU A 85 19.99 -15.02 -17.80
CA GLU A 85 20.08 -16.42 -18.20
C GLU A 85 19.05 -17.26 -17.45
N ARG A 86 18.75 -16.87 -16.19
CA ARG A 86 17.81 -17.62 -15.36
C ARG A 86 16.40 -17.44 -15.91
N ILE A 87 15.42 -18.08 -15.26
CA ILE A 87 14.02 -17.97 -15.64
C ILE A 87 13.52 -16.58 -15.26
N LEU A 88 12.44 -16.17 -15.93
CA LEU A 88 11.92 -14.82 -15.90
C LEU A 88 11.23 -14.55 -14.57
N LYS A 89 11.45 -13.34 -14.04
CA LYS A 89 10.84 -12.91 -12.79
C LYS A 89 10.71 -11.39 -12.81
N PRO A 90 9.92 -10.78 -11.89
CA PRO A 90 9.99 -9.35 -11.64
C PRO A 90 11.40 -8.92 -11.26
N HIS A 91 11.88 -7.90 -11.96
CA HIS A 91 13.16 -7.29 -11.66
C HIS A 91 13.02 -6.50 -10.36
N ALA A 92 13.92 -6.77 -9.41
CA ALA A 92 13.81 -6.22 -8.07
C ALA A 92 14.11 -4.72 -8.05
N PHE A 93 14.87 -4.26 -9.06
CA PHE A 93 15.51 -2.96 -9.08
C PHE A 93 14.81 -2.01 -10.04
N TYR A 94 13.80 -2.49 -10.77
CA TYR A 94 13.00 -1.63 -11.63
C TYR A 94 11.52 -1.90 -11.37
N GLN A 95 10.69 -0.84 -11.41
CA GLN A 95 9.24 -0.97 -11.33
C GLN A 95 8.66 -0.17 -12.50
N VAL A 96 7.49 -0.60 -12.96
CA VAL A 96 6.76 0.11 -13.98
C VAL A 96 6.27 1.41 -13.37
N HIS A 97 6.22 2.46 -14.20
CA HIS A 97 5.78 3.77 -13.80
C HIS A 97 4.54 4.15 -14.61
N ARG A 98 3.45 4.45 -13.88
CA ARG A 98 2.22 4.94 -14.48
C ARG A 98 2.40 6.38 -14.93
N ILE A 99 1.92 6.65 -16.16
CA ILE A 99 1.97 7.96 -16.80
C ILE A 99 0.55 8.39 -17.14
N THR A 100 0.25 9.67 -16.86
CA THR A 100 -1.10 10.17 -16.81
C THR A 100 -1.14 11.68 -17.10
N VAL A 104 -1.00 10.76 -23.25
CA VAL A 104 -1.38 9.37 -22.88
C VAL A 104 -2.80 9.13 -23.37
N THR A 105 -2.94 8.11 -24.22
CA THR A 105 -4.22 7.72 -24.80
C THR A 105 -4.99 6.87 -23.79
N THR A 106 -4.30 5.93 -23.12
CA THR A 106 -4.94 4.85 -22.39
C THR A 106 -5.20 5.22 -20.93
N THR A 107 -6.37 4.80 -20.44
CA THR A 107 -6.60 4.73 -19.01
C THR A 107 -5.81 3.55 -18.44
N SER A 108 -5.49 3.65 -17.14
CA SER A 108 -4.60 2.72 -16.45
C SER A 108 -4.80 2.85 -14.95
N TYR A 109 -4.32 1.85 -14.21
CA TYR A 109 -4.24 1.97 -12.76
C TYR A 109 -3.20 0.99 -12.24
N GLU A 110 -2.69 1.27 -11.01
CA GLU A 110 -1.60 0.50 -10.44
C GLU A 110 -2.05 -0.26 -9.19
N LYS A 111 -1.67 -1.53 -9.12
CA LYS A 111 -1.88 -2.39 -7.96
C LYS A 111 -0.49 -2.91 -7.58
N ILE A 112 -0.34 -3.44 -6.34
CA ILE A 112 0.88 -4.15 -5.96
C ILE A 112 0.54 -5.63 -5.90
N VAL A 113 1.50 -6.47 -6.30
CA VAL A 113 1.37 -7.92 -6.28
C VAL A 113 2.69 -8.48 -5.77
N GLY A 114 2.68 -9.00 -4.54
CA GLY A 114 3.90 -9.29 -3.83
C GLY A 114 4.66 -7.98 -3.61
N ASN A 115 5.96 -7.98 -3.93
CA ASN A 115 6.76 -6.77 -3.85
C ASN A 115 6.72 -6.02 -5.18
N THR A 116 5.85 -6.41 -6.12
CA THR A 116 5.95 -5.86 -7.45
C THR A 116 4.73 -5.00 -7.81
N LYS A 117 5.05 -3.81 -8.33
CA LYS A 117 4.10 -2.88 -8.92
C LYS A 117 3.75 -3.34 -10.34
N VAL A 118 2.45 -3.27 -10.63
CA VAL A 118 1.87 -3.80 -11.84
C VAL A 118 0.85 -2.78 -12.33
N LEU A 119 0.88 -2.48 -13.64
CA LEU A 119 0.02 -1.47 -14.24
C LEU A 119 -1.04 -2.21 -15.03
N GLU A 120 -2.31 -1.77 -15.00
CA GLU A 120 -3.37 -2.46 -15.72
C GLU A 120 -4.10 -1.52 -16.67
N ILE A 121 -4.13 -1.93 -17.95
CA ILE A 121 -4.71 -1.23 -19.08
C ILE A 121 -5.93 -2.03 -19.54
N PRO A 122 -7.03 -1.38 -19.98
CA PRO A 122 -8.14 -2.10 -20.60
C PRO A 122 -7.81 -2.59 -22.00
N LEU A 123 -8.21 -3.84 -22.28
CA LEU A 123 -8.08 -4.47 -23.58
C LEU A 123 -9.48 -4.74 -24.13
N GLU A 124 -9.84 -4.04 -25.21
CA GLU A 124 -11.23 -3.86 -25.57
C GLU A 124 -11.60 -4.59 -26.86
N PRO A 125 -12.72 -5.36 -26.85
CA PRO A 125 -13.30 -5.94 -28.06
C PRO A 125 -13.50 -4.98 -29.24
N LYS A 126 -13.95 -3.76 -28.97
CA LYS A 126 -14.16 -2.80 -30.03
C LYS A 126 -12.85 -2.39 -30.72
N ASN A 127 -11.69 -2.62 -30.08
CA ASN A 127 -10.40 -2.39 -30.71
C ASN A 127 -9.74 -3.72 -31.10
N ASN A 128 -10.52 -4.81 -31.11
CA ASN A 128 -10.00 -6.14 -31.45
C ASN A 128 -9.00 -6.62 -30.42
N MET A 129 -9.19 -6.22 -29.15
CA MET A 129 -8.27 -6.61 -28.10
C MET A 129 -6.85 -6.16 -28.47
N ARG A 130 -6.76 -4.95 -29.01
CA ARG A 130 -5.50 -4.32 -29.40
C ARG A 130 -5.34 -3.06 -28.57
N ALA A 131 -4.11 -2.83 -28.07
CA ALA A 131 -3.82 -1.68 -27.23
C ALA A 131 -2.44 -1.11 -27.57
N THR A 132 -2.37 0.23 -27.55
CA THR A 132 -1.11 0.97 -27.62
C THR A 132 -0.63 1.29 -26.20
N ILE A 133 0.65 0.95 -25.95
CA ILE A 133 1.23 1.13 -24.63
C ILE A 133 2.01 2.45 -24.61
N ASP A 134 1.35 3.53 -24.18
CA ASP A 134 1.97 4.85 -24.17
C ASP A 134 1.99 5.46 -22.77
N CYS A 135 1.64 4.65 -21.76
CA CYS A 135 1.38 5.15 -20.42
C CYS A 135 2.26 4.40 -19.40
N ALA A 136 3.24 3.65 -19.90
CA ALA A 136 4.18 2.95 -19.03
C ALA A 136 5.61 3.44 -19.25
N GLY A 137 6.11 4.20 -18.27
CA GLY A 137 7.53 4.47 -18.11
C GLY A 137 8.20 3.48 -17.14
N ILE A 138 9.48 3.73 -16.78
CA ILE A 138 10.25 2.81 -15.97
C ILE A 138 11.00 3.53 -14.86
N LEU A 139 10.76 3.08 -13.61
CA LEU A 139 11.42 3.64 -12.43
C LEU A 139 12.55 2.74 -11.95
N LYS A 140 13.75 3.30 -11.84
CA LYS A 140 14.92 2.59 -11.31
C LYS A 140 14.91 2.77 -9.79
N LEU A 141 14.97 1.65 -9.06
CA LEU A 141 15.13 1.69 -7.62
C LEU A 141 16.62 1.60 -7.31
N ARG A 142 17.03 2.15 -6.16
CA ARG A 142 18.43 2.18 -5.78
C ARG A 142 18.84 0.82 -5.23
N ASN A 143 20.02 0.36 -5.64
CA ASN A 143 20.50 -0.95 -5.27
C ASN A 143 20.60 -1.08 -3.73
N ALA A 144 21.23 -0.09 -3.11
CA ALA A 144 21.39 -0.10 -1.66
C ALA A 144 20.08 -0.38 -0.93
N ASP A 145 18.96 0.22 -1.38
CA ASP A 145 17.68 0.12 -0.69
C ASP A 145 17.09 -1.27 -0.81
N ILE A 146 17.23 -1.88 -2.00
CA ILE A 146 16.62 -3.15 -2.32
C ILE A 146 17.39 -4.28 -1.65
N GLU A 147 18.73 -4.17 -1.65
CA GLU A 147 19.61 -5.25 -1.21
C GLU A 147 19.49 -5.44 0.31
N LEU A 148 18.96 -4.41 0.99
CA LEU A 148 18.68 -4.44 2.42
C LEU A 148 17.42 -5.22 2.73
N ARG A 149 16.44 -5.19 1.84
CA ARG A 149 15.17 -5.82 2.16
C ARG A 149 15.47 -7.26 2.54
N LYS A 150 14.89 -7.71 3.67
CA LYS A 150 15.02 -9.08 4.16
C LYS A 150 14.48 -10.01 3.08
N GLY A 151 15.17 -11.15 2.89
CA GLY A 151 14.74 -12.17 1.94
C GLY A 151 15.27 -11.93 0.52
N GLU A 152 15.98 -10.81 0.32
CA GLU A 152 16.47 -10.45 -1.00
C GLU A 152 17.98 -10.65 -1.08
N THR A 153 18.38 -11.30 -2.17
CA THR A 153 19.77 -11.62 -2.37
C THR A 153 20.22 -11.25 -3.78
N ASP A 154 19.37 -10.56 -4.55
CA ASP A 154 19.69 -10.23 -5.93
C ASP A 154 20.62 -9.03 -5.99
N ILE A 155 21.32 -8.86 -7.11
CA ILE A 155 22.41 -7.89 -7.18
C ILE A 155 22.08 -6.84 -8.25
N GLY A 156 22.06 -5.57 -7.86
CA GLY A 156 21.67 -4.49 -8.76
C GLY A 156 22.78 -4.12 -9.75
N ARG A 157 23.94 -3.85 -9.18
CA ARG A 157 25.11 -3.39 -9.91
C ARG A 157 25.23 -4.20 -11.20
N LYS A 158 25.24 -3.48 -12.34
CA LYS A 158 25.43 -4.03 -13.69
C LYS A 158 24.23 -4.85 -14.20
N ASN A 159 23.11 -4.85 -13.47
CA ASN A 159 21.90 -5.51 -13.93
C ASN A 159 20.87 -4.45 -14.29
N THR A 160 21.06 -3.89 -15.50
CA THR A 160 20.28 -2.75 -15.97
C THR A 160 19.56 -3.07 -17.28
N ARG A 161 19.20 -4.34 -17.48
CA ARG A 161 18.41 -4.74 -18.63
C ARG A 161 17.14 -5.38 -18.12
N VAL A 162 16.03 -5.08 -18.81
CA VAL A 162 14.71 -5.49 -18.36
C VAL A 162 13.90 -5.98 -19.56
N ARG A 163 12.72 -6.53 -19.30
CA ARG A 163 11.73 -6.64 -20.36
C ARG A 163 10.38 -6.17 -19.83
N LEU A 164 9.59 -5.58 -20.74
CA LEU A 164 8.16 -5.39 -20.50
C LEU A 164 7.50 -6.75 -20.50
N VAL A 165 6.76 -7.05 -19.44
CA VAL A 165 6.03 -8.31 -19.41
C VAL A 165 4.56 -7.99 -19.40
N PHE A 166 3.80 -8.70 -20.22
CA PHE A 166 2.36 -8.52 -20.33
C PHE A 166 1.73 -9.85 -19.97
N ARG A 167 0.71 -9.81 -19.12
CA ARG A 167 -0.11 -10.99 -18.98
C ARG A 167 -1.57 -10.59 -18.95
N VAL A 168 -2.44 -11.60 -19.20
CA VAL A 168 -3.88 -11.44 -19.29
C VAL A 168 -4.61 -12.65 -18.67
N HIS A 169 -5.85 -12.43 -18.18
CA HIS A 169 -6.63 -13.47 -17.55
C HIS A 169 -7.99 -13.60 -18.23
N ILE A 170 -8.21 -14.76 -18.89
CA ILE A 170 -9.40 -15.03 -19.70
C ILE A 170 -10.26 -16.07 -18.99
N PRO A 171 -11.48 -15.71 -18.54
CA PRO A 171 -12.33 -16.64 -17.80
C PRO A 171 -13.17 -17.49 -18.74
N GLU A 172 -13.32 -18.77 -18.39
CA GLU A 172 -14.26 -19.72 -18.99
C GLU A 172 -15.23 -20.22 -17.90
N SER A 173 -15.84 -21.40 -18.10
CA SER A 173 -16.34 -22.22 -17.01
C SER A 173 -15.97 -23.70 -17.19
N ARG A 176 -12.86 -21.69 -14.84
CA ARG A 176 -11.39 -21.79 -15.09
C ARG A 176 -10.91 -20.49 -15.71
N ILE A 177 -9.61 -20.21 -15.56
CA ILE A 177 -9.03 -18.98 -16.05
C ILE A 177 -7.79 -19.33 -16.88
N VAL A 178 -7.75 -18.89 -18.14
CA VAL A 178 -6.57 -19.14 -18.97
C VAL A 178 -5.68 -17.93 -18.82
N SER A 179 -4.40 -18.15 -18.45
CA SER A 179 -3.50 -17.05 -18.09
C SER A 179 -2.26 -17.04 -18.98
N LEU A 180 -2.14 -16.00 -19.83
CA LEU A 180 -1.11 -15.91 -20.84
C LEU A 180 -0.10 -14.83 -20.51
N GLN A 181 1.16 -15.05 -20.89
CA GLN A 181 2.24 -14.09 -20.65
C GLN A 181 3.10 -14.02 -21.90
N THR A 182 3.42 -12.78 -22.34
CA THR A 182 4.41 -12.52 -23.38
C THR A 182 5.34 -11.43 -22.84
N ALA A 183 6.66 -11.68 -22.92
CA ALA A 183 7.68 -10.71 -22.55
C ALA A 183 8.32 -10.10 -23.80
N SER A 184 8.71 -8.84 -23.72
CA SER A 184 9.26 -8.13 -24.84
C SER A 184 10.71 -8.53 -25.01
N ASN A 185 11.33 -7.95 -26.05
CA ASN A 185 12.76 -8.03 -26.20
C ASN A 185 13.39 -7.23 -25.07
N PRO A 186 14.67 -7.51 -24.72
CA PRO A 186 15.34 -6.79 -23.66
C PRO A 186 15.42 -5.30 -23.95
N ILE A 187 15.39 -4.50 -22.87
CA ILE A 187 15.62 -3.07 -22.93
C ILE A 187 16.79 -2.76 -21.98
N GLU A 188 17.70 -1.93 -22.47
CA GLU A 188 18.77 -1.39 -21.67
C GLU A 188 18.26 -0.09 -21.03
N CYS A 189 18.32 -0.01 -19.69
CA CYS A 189 17.74 1.10 -18.95
C CYS A 189 18.82 2.02 -18.37
N SER A 190 20.09 1.70 -18.66
CA SER A 190 21.20 2.53 -18.22
C SER A 190 21.60 3.56 -19.29
N GLN A 191 21.76 4.81 -18.84
CA GLN A 191 22.26 5.90 -19.66
C GLN A 191 23.63 5.57 -20.25
N ARG A 192 24.58 5.14 -19.40
CA ARG A 192 25.95 4.88 -19.84
C ARG A 192 26.00 3.71 -20.82
N SER A 193 25.36 2.59 -20.46
CA SER A 193 25.45 1.42 -21.30
C SER A 193 24.86 1.72 -22.67
N ALA A 194 23.80 2.54 -22.72
CA ALA A 194 23.22 2.97 -24.00
C ALA A 194 24.23 3.78 -24.83
N HIS A 195 25.01 4.67 -24.20
CA HIS A 195 25.99 5.45 -24.96
C HIS A 195 27.15 4.57 -25.41
N GLU A 196 27.60 3.62 -24.57
CA GLU A 196 28.91 3.02 -24.72
C GLU A 196 28.89 1.62 -25.36
N LEU A 197 27.86 0.82 -25.09
CA LEU A 197 27.87 -0.60 -25.44
C LEU A 197 27.27 -0.81 -26.82
N PRO A 198 27.81 -1.76 -27.62
CA PRO A 198 27.05 -2.37 -28.71
C PRO A 198 25.92 -3.23 -28.16
N MET A 199 24.77 -3.25 -28.86
CA MET A 199 23.64 -4.08 -28.45
C MET A 199 23.16 -4.91 -29.64
N VAL A 200 23.01 -6.24 -29.44
CA VAL A 200 22.51 -7.16 -30.46
C VAL A 200 20.99 -7.32 -30.32
N GLU A 201 20.24 -7.06 -31.39
CA GLU A 201 18.80 -7.24 -31.38
C GLU A 201 18.44 -8.54 -32.11
N ARG A 202 19.02 -8.76 -33.31
CA ARG A 202 18.61 -9.86 -34.18
C ARG A 202 19.85 -10.51 -34.82
N GLN A 203 19.74 -11.83 -35.14
CA GLN A 203 20.78 -12.65 -35.76
C GLN A 203 20.25 -13.43 -36.98
N ASP A 204 21.15 -14.14 -37.70
CA ASP A 204 20.88 -14.83 -38.96
C ASP A 204 19.83 -14.10 -39.81
N ILE A 217 23.49 -11.95 -40.90
CA ILE A 217 23.22 -10.50 -40.71
C ILE A 217 22.91 -10.23 -39.23
N LEU A 218 23.72 -9.37 -38.60
CA LEU A 218 23.48 -8.93 -37.23
C LEU A 218 22.95 -7.49 -37.27
N THR A 219 21.83 -7.24 -36.58
CA THR A 219 21.36 -5.87 -36.37
C THR A 219 21.37 -5.56 -34.88
N GLY A 220 21.69 -4.28 -34.59
CA GLY A 220 21.84 -3.80 -33.23
C GLY A 220 22.09 -2.29 -33.18
N GLN A 221 23.03 -1.87 -32.33
CA GLN A 221 23.21 -0.45 -32.03
C GLN A 221 24.63 -0.15 -31.54
N ASN A 222 25.11 1.07 -31.86
CA ASN A 222 26.46 1.55 -31.58
C ASN A 222 27.51 0.62 -32.18
N PHE A 223 27.31 0.21 -33.45
CA PHE A 223 28.31 -0.55 -34.19
C PHE A 223 29.29 0.39 -34.89
N GLU A 226 36.62 -0.57 -36.44
CA GLU A 226 37.02 -0.54 -35.01
C GLU A 226 36.01 -1.33 -34.15
N SER A 227 34.94 -1.88 -34.78
CA SER A 227 34.18 -3.01 -34.27
C SER A 227 34.90 -4.32 -34.56
N LYS A 228 34.69 -5.33 -33.71
CA LYS A 228 35.12 -6.70 -33.98
C LYS A 228 33.99 -7.65 -33.54
N VAL A 229 34.08 -8.93 -33.95
CA VAL A 229 33.18 -9.98 -33.48
C VAL A 229 34.02 -11.22 -33.13
N VAL A 230 33.77 -11.78 -31.93
CA VAL A 230 34.64 -12.80 -31.35
C VAL A 230 33.77 -13.96 -30.84
N PHE A 231 34.13 -15.20 -31.22
CA PHE A 231 33.45 -16.42 -30.78
C PHE A 231 34.27 -17.08 -29.66
N THR A 232 33.59 -17.73 -28.69
CA THR A 232 34.26 -18.35 -27.56
C THR A 232 33.59 -19.67 -27.17
N GLU A 233 34.26 -20.46 -26.31
CA GLU A 233 33.70 -21.65 -25.69
C GLU A 233 34.38 -21.85 -24.32
N TRP A 242 38.30 -21.95 -26.18
CA TRP A 242 38.36 -21.43 -27.57
C TRP A 242 38.07 -19.93 -27.59
N GLU A 243 38.73 -19.21 -28.50
CA GLU A 243 38.52 -17.79 -28.73
C GLU A 243 39.01 -17.46 -30.14
N MET A 244 38.14 -16.89 -30.99
CA MET A 244 38.45 -16.77 -32.41
C MET A 244 37.66 -15.65 -33.05
N GLU A 245 38.38 -14.62 -33.53
CA GLU A 245 37.76 -13.48 -34.20
C GLU A 245 37.21 -13.93 -35.55
N ALA A 246 35.97 -13.53 -35.84
CA ALA A 246 35.34 -13.71 -37.14
C ALA A 246 35.67 -12.55 -38.07
N THR A 247 35.76 -12.84 -39.38
CA THR A 247 36.08 -11.84 -40.39
C THR A 247 34.78 -11.27 -40.98
N VAL A 248 34.81 -9.97 -41.30
CA VAL A 248 33.65 -9.22 -41.77
C VAL A 248 33.79 -8.91 -43.28
N SER A 253 31.22 -4.35 -42.70
CA SER A 253 30.75 -2.95 -42.54
C SER A 253 30.35 -2.37 -43.91
N PRO A 273 26.64 -30.95 -33.58
CA PRO A 273 26.36 -29.60 -33.07
C PRO A 273 26.88 -29.36 -31.64
N VAL A 274 27.23 -28.10 -31.34
CA VAL A 274 28.00 -27.70 -30.16
C VAL A 274 27.39 -26.42 -29.56
N LYS A 275 27.66 -26.15 -28.27
CA LYS A 275 27.11 -25.01 -27.56
C LYS A 275 28.19 -23.94 -27.35
N VAL A 276 27.99 -22.75 -27.95
CA VAL A 276 29.06 -21.78 -28.19
C VAL A 276 28.45 -20.38 -28.35
N ASN A 277 29.19 -19.33 -27.96
CA ASN A 277 28.65 -17.97 -27.90
C ASN A 277 29.53 -16.97 -28.68
N PHE A 278 28.92 -15.85 -29.15
CA PHE A 278 29.67 -14.70 -29.69
C PHE A 278 29.34 -13.36 -28.98
N TYR A 279 30.25 -12.38 -29.12
CA TYR A 279 30.16 -11.06 -28.51
C TYR A 279 30.70 -10.02 -29.50
N VAL A 280 30.06 -8.83 -29.60
CA VAL A 280 30.53 -7.72 -30.44
C VAL A 280 31.28 -6.72 -29.57
N ILE A 281 32.51 -6.34 -29.98
CA ILE A 281 33.41 -5.61 -29.09
C ILE A 281 33.89 -4.29 -29.72
N ASN A 282 33.96 -3.23 -28.89
CA ASN A 282 34.24 -1.86 -29.31
C ASN A 282 35.46 -1.27 -28.61
N GLY A 283 35.62 -1.54 -27.29
CA GLY A 283 36.50 -0.75 -26.43
C GLY A 283 37.82 -1.44 -26.17
N LYS A 286 33.93 -2.82 -23.42
CA LYS A 286 32.70 -2.34 -24.11
C LYS A 286 32.19 -3.41 -25.07
N ARG A 287 31.69 -4.51 -24.49
CA ARG A 287 31.19 -5.66 -25.22
C ARG A 287 29.66 -5.68 -25.14
N SER A 288 29.01 -6.24 -26.17
CA SER A 288 27.62 -6.63 -26.03
C SER A 288 27.54 -7.81 -25.05
N GLN A 289 26.31 -8.27 -24.78
CA GLN A 289 26.06 -9.49 -24.01
C GLN A 289 26.51 -10.68 -24.87
N PRO A 290 26.76 -11.88 -24.28
CA PRO A 290 27.04 -13.09 -25.07
C PRO A 290 25.81 -13.65 -25.79
N GLN A 291 26.03 -14.36 -26.91
CA GLN A 291 24.91 -14.88 -27.71
C GLN A 291 25.07 -16.42 -27.84
N HIS F 3 23.93 19.46 -1.86
CA HIS F 3 23.65 20.75 -2.54
C HIS F 3 22.60 21.53 -1.76
N HIS F 4 22.07 22.64 -2.34
CA HIS F 4 21.42 23.69 -1.56
C HIS F 4 19.89 23.79 -1.73
N HIS F 5 19.22 22.83 -2.38
CA HIS F 5 17.76 22.86 -2.43
C HIS F 5 17.19 22.37 -1.08
N HIS F 6 16.00 22.89 -0.77
CA HIS F 6 15.18 22.41 0.34
C HIS F 6 14.86 20.93 0.19
N HIS F 7 14.58 20.50 -1.05
CA HIS F 7 14.09 19.15 -1.28
C HIS F 7 14.43 18.67 -2.69
N HIS F 8 14.29 17.36 -2.84
CA HIS F 8 14.49 16.68 -4.10
C HIS F 8 13.39 17.01 -5.11
N VAL F 9 13.73 16.94 -6.41
CA VAL F 9 12.75 16.84 -7.46
C VAL F 9 12.16 15.42 -7.42
N GLY F 10 11.01 15.21 -8.07
CA GLY F 10 10.41 13.89 -8.15
C GLY F 10 9.74 13.45 -6.83
N THR F 11 9.56 12.11 -6.71
CA THR F 11 8.74 11.53 -5.65
C THR F 11 9.48 11.59 -4.33
N ALA F 12 10.81 11.72 -4.46
CA ALA F 12 11.70 11.87 -3.33
C ALA F 12 11.59 13.28 -2.74
N SER F 13 10.72 14.14 -3.31
CA SER F 13 10.51 15.49 -2.79
C SER F 13 9.66 15.51 -1.52
N LEU F 14 8.95 14.41 -1.20
CA LEU F 14 8.08 14.33 -0.03
C LEU F 14 8.45 13.13 0.83
N PRO F 15 8.31 13.21 2.17
CA PRO F 15 8.72 12.13 3.08
C PRO F 15 7.91 10.84 2.91
N PRO F 16 8.53 9.64 2.95
CA PRO F 16 7.75 8.39 2.97
C PRO F 16 6.76 8.34 4.14
N LEU F 17 5.75 7.49 3.93
CA LEU F 17 4.66 7.23 4.86
C LEU F 17 5.19 6.68 6.17
N GLU F 18 6.33 5.99 6.11
CA GLU F 18 6.93 5.30 7.25
C GLU F 18 7.49 6.31 8.26
N TRP F 19 7.87 7.51 7.79
CA TRP F 19 8.39 8.52 8.70
C TRP F 19 7.24 9.09 9.50
N PRO F 20 7.46 9.33 10.82
CA PRO F 20 6.45 10.02 11.63
C PRO F 20 6.52 11.51 11.32
N LEU F 21 5.38 12.19 11.49
CA LEU F 21 5.36 13.63 11.34
C LEU F 21 4.42 14.17 12.41
N SER F 22 4.67 15.40 12.82
CA SER F 22 3.85 16.11 13.78
C SER F 22 2.53 16.46 13.10
N SER F 23 1.49 16.72 13.91
CA SER F 23 0.25 17.25 13.39
C SER F 23 0.38 18.77 13.16
N GLN F 24 1.43 19.37 13.75
CA GLN F 24 1.63 20.81 13.62
C GLN F 24 3.11 21.18 13.42
N SER F 25 3.27 22.42 12.95
CA SER F 25 4.52 23.01 12.55
C SER F 25 4.25 24.49 12.30
N GLY F 26 5.00 25.37 12.98
CA GLY F 26 4.62 26.77 13.11
C GLY F 26 3.17 26.92 13.55
N SER F 27 2.43 27.77 12.82
CA SER F 27 1.03 28.09 13.11
C SER F 27 0.09 27.16 12.34
N TYR F 28 0.64 26.24 11.54
CA TYR F 28 -0.16 25.22 10.87
C TYR F 28 -0.42 24.05 11.83
N GLU F 29 -1.69 23.61 11.87
CA GLU F 29 -2.06 22.40 12.57
C GLU F 29 -3.18 21.63 11.82
N LEU F 30 -2.89 20.35 11.51
CA LEU F 30 -3.84 19.43 10.88
C LEU F 30 -4.59 18.62 11.96
N ARG F 31 -5.93 18.70 11.96
CA ARG F 31 -6.70 18.16 13.08
C ARG F 31 -7.96 17.43 12.61
N ILE F 32 -8.22 16.27 13.25
CA ILE F 32 -9.45 15.50 13.09
C ILE F 32 -10.57 16.17 13.89
N GLU F 33 -11.58 16.68 13.17
CA GLU F 33 -12.64 17.46 13.74
C GLU F 33 -13.74 16.51 14.23
N VAL F 34 -14.11 15.52 13.42
CA VAL F 34 -15.02 14.45 13.83
C VAL F 34 -14.30 13.12 13.65
N GLN F 35 -14.29 12.28 14.69
CA GLN F 35 -13.60 10.99 14.67
C GLN F 35 -14.51 9.89 14.11
N PRO F 36 -13.92 8.82 13.49
CA PRO F 36 -14.69 7.69 12.95
C PRO F 36 -15.40 6.93 14.05
N LYS F 37 -16.48 6.21 13.71
CA LYS F 37 -17.00 5.16 14.56
C LYS F 37 -15.84 4.26 15.02
N PRO F 38 -16.02 3.52 16.14
CA PRO F 38 -15.00 2.57 16.58
C PRO F 38 -15.00 1.22 15.85
N HIS F 39 -16.10 0.88 15.14
CA HIS F 39 -16.22 -0.34 14.35
C HIS F 39 -16.52 0.00 12.90
N HIS F 40 -15.72 -0.51 11.97
CA HIS F 40 -16.07 -0.50 10.56
C HIS F 40 -15.64 -1.82 9.93
N ARG F 41 -16.61 -2.65 9.56
CA ARG F 41 -16.35 -3.94 8.94
C ARG F 41 -15.77 -3.75 7.52
N ALA F 42 -14.52 -4.21 7.34
CA ALA F 42 -13.84 -4.10 6.05
C ALA F 42 -14.47 -5.09 5.10
N HIS F 43 -14.15 -4.97 3.82
CA HIS F 43 -14.70 -5.85 2.80
C HIS F 43 -13.53 -6.46 2.05
N TYR F 44 -13.76 -7.65 1.46
CA TYR F 44 -12.70 -8.30 0.71
C TYR F 44 -12.80 -7.98 -0.77
N GLU F 45 -11.71 -8.17 -1.55
CA GLU F 45 -11.77 -8.03 -3.01
C GLU F 45 -12.76 -9.03 -3.60
N THR F 46 -13.05 -10.16 -2.94
CA THR F 46 -14.02 -11.11 -3.50
C THR F 46 -15.46 -10.77 -3.10
N GLU F 47 -15.76 -9.48 -2.90
CA GLU F 47 -16.99 -9.05 -2.28
C GLU F 47 -17.33 -7.68 -2.88
N GLY F 48 -18.53 -7.17 -2.61
CA GLY F 48 -18.83 -5.77 -2.87
C GLY F 48 -18.28 -4.85 -1.78
N SER F 49 -18.13 -3.57 -2.12
CA SER F 49 -17.84 -2.53 -1.14
C SER F 49 -18.78 -2.65 0.05
N ARG F 50 -18.25 -2.48 1.28
CA ARG F 50 -19.10 -2.32 2.44
C ARG F 50 -19.00 -0.89 2.98
N GLY F 51 -18.87 0.09 2.07
CA GLY F 51 -19.24 1.46 2.38
C GLY F 51 -18.10 2.30 2.91
N ALA F 52 -18.35 3.62 3.00
CA ALA F 52 -17.41 4.58 3.56
C ALA F 52 -17.37 4.39 5.06
N VAL F 53 -16.23 4.75 5.69
CA VAL F 53 -16.17 4.81 7.13
C VAL F 53 -17.15 5.87 7.62
N LYS F 54 -18.04 5.46 8.55
CA LYS F 54 -19.07 6.33 9.12
C LYS F 54 -18.53 7.00 10.38
N ALA F 55 -19.14 8.12 10.81
CA ALA F 55 -18.89 8.70 12.13
C ALA F 55 -20.04 8.32 13.06
N PRO F 56 -19.92 8.44 14.41
CA PRO F 56 -20.99 8.00 15.32
C PRO F 56 -22.30 8.75 15.12
N THR F 57 -22.20 10.02 14.66
CA THR F 57 -23.38 10.79 14.31
C THR F 57 -24.32 9.94 13.47
N GLY F 58 -23.75 9.17 12.55
CA GLY F 58 -24.47 8.73 11.36
C GLY F 58 -23.99 9.53 10.15
N GLY F 59 -23.13 10.54 10.39
CA GLY F 59 -22.37 11.20 9.35
C GLY F 59 -21.00 10.54 9.13
N HIS F 60 -19.98 11.38 8.91
CA HIS F 60 -18.69 10.92 8.44
C HIS F 60 -17.57 11.68 9.13
N PRO F 61 -16.35 11.10 9.22
CA PRO F 61 -15.21 11.84 9.75
C PRO F 61 -15.00 13.16 9.03
N VAL F 62 -14.45 14.12 9.79
CA VAL F 62 -14.15 15.43 9.27
C VAL F 62 -12.73 15.78 9.68
N VAL F 63 -12.00 16.38 8.75
CA VAL F 63 -10.63 16.75 9.01
C VAL F 63 -10.49 18.21 8.61
N GLN F 64 -9.68 18.96 9.35
CA GLN F 64 -9.43 20.36 9.03
C GLN F 64 -7.96 20.68 9.26
N LEU F 65 -7.48 21.61 8.42
CA LEU F 65 -6.19 22.26 8.58
C LEU F 65 -6.39 23.69 9.05
N HIS F 66 -5.65 24.06 10.10
CA HIS F 66 -5.69 25.38 10.72
C HIS F 66 -4.42 26.17 10.39
N GLY F 67 -4.58 27.47 10.16
CA GLY F 67 -3.47 28.39 9.98
C GLY F 67 -2.95 28.43 8.55
N TYR F 68 -3.79 28.04 7.58
CA TYR F 68 -3.44 28.17 6.18
C TYR F 68 -4.21 29.36 5.62
N MET F 69 -3.45 30.35 5.13
CA MET F 69 -3.93 31.71 4.94
C MET F 69 -4.07 32.01 3.44
N GLU F 70 -3.85 31.00 2.61
CA GLU F 70 -3.62 31.16 1.19
C GLU F 70 -4.87 30.67 0.46
N ASN F 71 -4.90 30.91 -0.86
CA ASN F 71 -6.08 30.74 -1.69
C ASN F 71 -5.84 29.72 -2.80
N LYS F 72 -4.91 28.79 -2.58
CA LYS F 72 -4.76 27.60 -3.42
C LYS F 72 -5.15 26.41 -2.53
N PRO F 73 -5.97 25.49 -3.03
CA PRO F 73 -6.32 24.30 -2.24
C PRO F 73 -5.15 23.31 -2.17
N LEU F 74 -5.24 22.39 -1.21
CA LEU F 74 -4.20 21.39 -1.01
C LEU F 74 -4.82 20.00 -1.10
N GLY F 75 -3.98 19.00 -1.39
CA GLY F 75 -4.43 17.62 -1.32
C GLY F 75 -4.40 17.13 0.13
N LEU F 76 -5.51 16.50 0.57
CA LEU F 76 -5.49 15.68 1.77
C LEU F 76 -5.33 14.21 1.40
N GLN F 77 -4.23 13.58 1.87
CA GLN F 77 -3.95 12.18 1.64
C GLN F 77 -4.54 11.35 2.79
N ILE F 78 -5.05 10.15 2.43
CA ILE F 78 -5.65 9.24 3.39
C ILE F 78 -5.07 7.85 3.14
N PHE F 79 -4.68 7.18 4.25
CA PHE F 79 -4.27 5.79 4.19
C PHE F 79 -4.59 5.14 5.51
N ILE F 80 -4.53 3.81 5.54
CA ILE F 80 -4.83 3.01 6.72
C ILE F 80 -3.56 2.58 7.40
N GLY F 81 -3.40 2.91 8.68
CA GLY F 81 -2.23 2.55 9.44
C GLY F 81 -2.56 1.59 10.58
N THR F 82 -1.52 1.25 11.35
CA THR F 82 -1.56 0.28 12.44
C THR F 82 -2.17 0.91 13.69
N ALA F 83 -2.62 0.09 14.67
CA ALA F 83 -3.02 0.57 16.00
C ALA F 83 -2.41 -0.32 17.07
N ASP F 84 -1.07 -0.38 17.05
CA ASP F 84 -0.31 -1.36 17.80
C ASP F 84 0.62 -0.64 18.77
N GLU F 85 1.40 -1.43 19.54
CA GLU F 85 2.34 -0.91 20.53
C GLU F 85 3.50 -0.18 19.84
N ARG F 86 3.92 -0.67 18.67
CA ARG F 86 5.04 -0.10 17.93
C ARG F 86 4.63 1.27 17.37
N ILE F 87 5.56 1.92 16.66
CA ILE F 87 5.26 3.20 16.04
C ILE F 87 4.40 2.94 14.81
N LEU F 88 3.70 4.02 14.41
CA LEU F 88 2.67 3.99 13.39
C LEU F 88 3.27 3.78 12.01
N LYS F 89 2.59 2.97 11.19
CA LYS F 89 3.01 2.70 9.81
C LYS F 89 1.78 2.27 9.00
N PRO F 90 1.87 2.23 7.64
CA PRO F 90 0.87 1.59 6.80
C PRO F 90 0.63 0.14 7.23
N HIS F 91 -0.64 -0.19 7.46
CA HIS F 91 -1.07 -1.54 7.77
C HIS F 91 -0.97 -2.37 6.50
N ALA F 92 -0.28 -3.50 6.58
CA ALA F 92 -0.01 -4.29 5.37
C ALA F 92 -1.26 -5.05 4.91
N PHE F 93 -2.21 -5.26 5.83
CA PHE F 93 -3.36 -6.14 5.63
C PHE F 93 -4.64 -5.36 5.30
N TYR F 94 -4.59 -4.02 5.39
CA TYR F 94 -5.73 -3.20 5.05
C TYR F 94 -5.27 -2.04 4.18
N GLN F 95 -6.07 -1.73 3.14
CA GLN F 95 -5.82 -0.60 2.25
C GLN F 95 -7.12 0.22 2.18
N VAL F 96 -6.95 1.54 2.01
CA VAL F 96 -8.06 2.42 1.80
C VAL F 96 -8.68 2.08 0.46
N HIS F 97 -10.01 2.26 0.39
CA HIS F 97 -10.81 1.95 -0.77
C HIS F 97 -11.54 3.22 -1.21
N ARG F 98 -11.38 3.59 -2.49
CA ARG F 98 -12.04 4.75 -3.06
C ARG F 98 -13.49 4.42 -3.32
N ILE F 99 -14.38 5.32 -2.94
CA ILE F 99 -15.83 5.22 -3.09
C ILE F 99 -16.34 6.42 -3.87
N THR F 100 -17.41 6.13 -4.62
CA THR F 100 -17.77 6.91 -5.79
C THR F 100 -19.29 7.05 -5.79
N GLY F 101 -19.83 8.05 -6.50
CA GLY F 101 -21.26 8.10 -6.76
C GLY F 101 -21.99 9.04 -5.80
N LYS F 102 -23.30 8.79 -5.58
CA LYS F 102 -24.29 9.82 -5.27
C LYS F 102 -24.10 10.43 -3.88
N THR F 103 -24.03 9.58 -2.83
CA THR F 103 -23.71 10.00 -1.46
C THR F 103 -22.51 10.94 -1.47
N VAL F 104 -21.41 10.41 -2.04
CA VAL F 104 -20.07 10.93 -1.89
C VAL F 104 -20.04 12.38 -2.33
N THR F 105 -19.70 13.25 -1.38
CA THR F 105 -19.64 14.68 -1.55
C THR F 105 -18.33 15.04 -2.28
N THR F 106 -17.19 14.43 -1.89
CA THR F 106 -15.89 14.88 -2.38
C THR F 106 -15.45 14.12 -3.61
N THR F 107 -14.83 14.82 -4.57
CA THR F 107 -13.99 14.13 -5.56
C THR F 107 -12.69 13.64 -4.91
N SER F 108 -12.08 12.64 -5.55
CA SER F 108 -10.98 11.88 -4.99
C SER F 108 -10.19 11.19 -6.10
N TYR F 109 -8.98 10.73 -5.78
CA TYR F 109 -8.25 9.85 -6.68
C TYR F 109 -7.20 9.10 -5.86
N GLU F 110 -6.74 7.96 -6.39
CA GLU F 110 -5.82 7.09 -5.68
C GLU F 110 -4.46 7.02 -6.38
N LYS F 111 -3.40 7.13 -5.58
CA LYS F 111 -2.03 6.90 -6.01
C LYS F 111 -1.56 5.67 -5.23
N ILE F 112 -0.44 5.08 -5.69
CA ILE F 112 0.35 4.22 -4.84
C ILE F 112 1.54 5.06 -4.38
N VAL F 113 1.94 4.87 -3.12
CA VAL F 113 3.07 5.53 -2.52
C VAL F 113 3.83 4.47 -1.74
N GLY F 114 5.02 4.12 -2.22
CA GLY F 114 5.72 2.94 -1.74
C GLY F 114 4.90 1.71 -2.07
N ASN F 115 4.72 0.82 -1.09
CA ASN F 115 3.81 -0.31 -1.20
C ASN F 115 2.35 0.06 -0.90
N THR F 116 2.00 1.34 -0.68
CA THR F 116 0.73 1.63 -0.01
C THR F 116 -0.19 2.46 -0.89
N LYS F 117 -1.45 2.04 -0.91
CA LYS F 117 -2.55 2.78 -1.55
C LYS F 117 -2.99 3.98 -0.69
N VAL F 118 -3.15 5.11 -1.39
CA VAL F 118 -3.42 6.39 -0.77
C VAL F 118 -4.55 7.07 -1.55
N LEU F 119 -5.53 7.62 -0.83
CA LEU F 119 -6.65 8.33 -1.44
C LEU F 119 -6.44 9.84 -1.23
N GLU F 120 -6.71 10.68 -2.25
CA GLU F 120 -6.44 12.10 -2.12
C GLU F 120 -7.69 12.91 -2.45
N ILE F 121 -8.07 13.73 -1.45
CA ILE F 121 -9.25 14.58 -1.42
C ILE F 121 -8.79 16.03 -1.49
N PRO F 122 -9.52 16.94 -2.19
CA PRO F 122 -9.17 18.35 -2.16
C PRO F 122 -9.61 18.98 -0.84
N LEU F 123 -8.74 19.85 -0.33
CA LEU F 123 -8.92 20.63 0.88
C LEU F 123 -8.94 22.11 0.48
N GLU F 124 -10.12 22.76 0.57
CA GLU F 124 -10.40 23.96 -0.21
C GLU F 124 -10.56 25.20 0.68
N PRO F 125 -9.90 26.33 0.32
CA PRO F 125 -10.08 27.62 1.00
C PRO F 125 -11.53 28.06 1.22
N LYS F 126 -12.39 27.89 0.22
CA LYS F 126 -13.78 28.28 0.35
C LYS F 126 -14.50 27.47 1.43
N ASN F 127 -13.99 26.28 1.80
CA ASN F 127 -14.56 25.47 2.87
C ASN F 127 -13.70 25.57 4.13
N ASN F 128 -12.79 26.55 4.17
CA ASN F 128 -11.91 26.78 5.30
C ASN F 128 -10.95 25.60 5.49
N MET F 129 -10.56 24.96 4.38
CA MET F 129 -9.66 23.82 4.46
C MET F 129 -10.25 22.78 5.41
N ARG F 130 -11.56 22.56 5.25
CA ARG F 130 -12.32 21.55 5.98
C ARG F 130 -12.89 20.57 4.95
N ALA F 131 -12.86 19.27 5.28
CA ALA F 131 -13.30 18.23 4.37
C ALA F 131 -13.97 17.09 5.14
N THR F 132 -15.07 16.59 4.57
CA THR F 132 -15.85 15.48 5.08
C THR F 132 -15.40 14.21 4.37
N ILE F 133 -15.07 13.19 5.17
CA ILE F 133 -14.52 11.95 4.64
C ILE F 133 -15.65 10.94 4.46
N ASP F 134 -16.25 10.95 3.27
CA ASP F 134 -17.39 10.10 2.97
C ASP F 134 -17.09 9.22 1.76
N CYS F 135 -15.83 9.22 1.34
CA CYS F 135 -15.41 8.58 0.10
C CYS F 135 -14.35 7.51 0.38
N ALA F 136 -14.12 7.19 1.67
CA ALA F 136 -13.06 6.25 2.01
C ALA F 136 -13.62 5.06 2.80
N GLY F 137 -13.68 3.92 2.09
CA GLY F 137 -13.94 2.63 2.70
C GLY F 137 -12.64 1.88 2.95
N ILE F 138 -12.74 0.62 3.41
CA ILE F 138 -11.56 -0.14 3.83
C ILE F 138 -11.61 -1.53 3.25
N LEU F 139 -10.51 -1.88 2.56
CA LEU F 139 -10.34 -3.20 1.96
C LEU F 139 -9.43 -4.07 2.83
N LYS F 140 -9.93 -5.27 3.19
CA LYS F 140 -9.13 -6.28 3.86
C LYS F 140 -8.38 -7.08 2.82
N LEU F 141 -7.05 -7.13 2.93
CA LEU F 141 -6.23 -8.01 2.09
C LEU F 141 -6.03 -9.33 2.83
N ARG F 142 -5.85 -10.40 2.06
CA ARG F 142 -5.81 -11.76 2.62
C ARG F 142 -4.45 -12.01 3.25
N ASN F 143 -4.44 -12.62 4.44
CA ASN F 143 -3.21 -12.80 5.20
C ASN F 143 -2.21 -13.63 4.41
N ALA F 144 -2.68 -14.75 3.87
CA ALA F 144 -1.84 -15.63 3.09
C ALA F 144 -1.05 -14.87 2.02
N ASP F 145 -1.70 -13.94 1.30
CA ASP F 145 -1.10 -13.25 0.17
C ASP F 145 0.00 -12.29 0.62
N ILE F 146 -0.23 -11.61 1.74
CA ILE F 146 0.66 -10.57 2.22
C ILE F 146 1.88 -11.21 2.87
N GLU F 147 1.68 -12.30 3.62
CA GLU F 147 2.75 -12.92 4.41
C GLU F 147 3.77 -13.60 3.49
N LEU F 148 3.37 -13.84 2.23
CA LEU F 148 4.24 -14.37 1.17
C LEU F 148 5.15 -13.28 0.60
N ARG F 149 4.71 -12.03 0.58
CA ARG F 149 5.58 -10.99 0.07
C ARG F 149 6.93 -11.15 0.80
N LYS F 150 8.02 -11.19 0.00
CA LYS F 150 9.38 -11.16 0.52
C LYS F 150 9.54 -9.88 1.34
N GLY F 151 10.24 -9.96 2.47
CA GLY F 151 10.54 -8.80 3.29
C GLY F 151 9.46 -8.53 4.36
N GLU F 152 8.38 -9.31 4.33
CA GLU F 152 7.27 -9.11 5.25
C GLU F 152 7.26 -10.21 6.29
N THR F 153 7.14 -9.78 7.56
CA THR F 153 7.11 -10.69 8.68
C THR F 153 6.03 -10.27 9.68
N ASP F 154 5.12 -9.37 9.30
CA ASP F 154 3.96 -9.10 10.13
C ASP F 154 2.90 -10.19 9.90
N ILE F 155 2.06 -10.36 10.92
CA ILE F 155 1.09 -11.44 11.00
C ILE F 155 -0.32 -10.82 10.96
N GLY F 156 -1.14 -11.30 10.02
CA GLY F 156 -2.50 -10.82 9.86
C GLY F 156 -3.44 -11.34 10.95
N ARG F 157 -3.42 -12.65 11.20
CA ARG F 157 -4.24 -13.32 12.21
C ARG F 157 -4.33 -12.45 13.46
N LYS F 158 -5.56 -12.03 13.83
CA LYS F 158 -5.87 -11.25 15.03
C LYS F 158 -5.30 -9.83 15.00
N ASN F 159 -4.89 -9.36 13.81
CA ASN F 159 -4.38 -8.02 13.66
C ASN F 159 -5.37 -7.24 12.78
N THR F 160 -6.51 -6.92 13.38
CA THR F 160 -7.65 -6.40 12.64
C THR F 160 -8.11 -5.04 13.15
N ARG F 161 -7.18 -4.22 13.64
CA ARG F 161 -7.50 -2.88 14.12
C ARG F 161 -6.59 -1.91 13.38
N VAL F 162 -7.13 -0.75 13.00
CA VAL F 162 -6.45 0.16 12.08
C VAL F 162 -6.65 1.60 12.54
N ARG F 163 -5.97 2.54 11.89
CA ARG F 163 -6.37 3.93 12.00
C ARG F 163 -6.41 4.60 10.63
N LEU F 164 -7.35 5.54 10.47
CA LEU F 164 -7.31 6.49 9.37
C LEU F 164 -6.13 7.43 9.57
N VAL F 165 -5.25 7.53 8.58
CA VAL F 165 -4.11 8.44 8.70
C VAL F 165 -4.25 9.51 7.63
N PHE F 166 -4.03 10.76 8.02
CA PHE F 166 -4.22 11.91 7.14
C PHE F 166 -2.90 12.66 7.10
N ARG F 167 -2.44 13.02 5.91
CA ARG F 167 -1.32 13.93 5.88
C ARG F 167 -1.57 14.97 4.80
N VAL F 168 -0.87 16.11 4.94
CA VAL F 168 -0.96 17.24 4.01
C VAL F 168 0.44 17.82 3.72
N HIS F 169 0.58 18.38 2.52
CA HIS F 169 1.84 19.00 2.10
C HIS F 169 1.57 20.45 1.71
N ILE F 170 2.15 21.37 2.51
CA ILE F 170 1.95 22.81 2.42
C ILE F 170 3.23 23.44 1.84
N PRO F 171 3.17 23.99 0.61
CA PRO F 171 4.36 24.57 -0.01
C PRO F 171 4.51 26.03 0.42
N GLU F 172 5.73 26.44 0.76
CA GLU F 172 5.98 27.78 1.25
C GLU F 172 6.79 28.53 0.22
N SER F 173 6.79 29.87 0.31
CA SER F 173 7.40 30.64 -0.76
C SER F 173 8.94 30.50 -0.71
N SER F 174 9.47 30.01 0.43
CA SER F 174 10.90 29.75 0.56
C SER F 174 11.34 28.63 -0.38
N GLY F 175 10.37 27.82 -0.88
CA GLY F 175 10.66 26.55 -1.53
C GLY F 175 10.54 25.33 -0.61
N ARG F 176 10.24 25.52 0.68
CA ARG F 176 10.03 24.39 1.58
C ARG F 176 8.66 23.77 1.32
N ILE F 177 8.54 22.51 1.76
CA ILE F 177 7.22 21.90 1.93
C ILE F 177 7.08 21.47 3.39
N VAL F 178 6.04 21.97 4.05
CA VAL F 178 5.77 21.58 5.42
C VAL F 178 4.83 20.39 5.38
N SER F 179 5.19 19.30 6.09
CA SER F 179 4.41 18.07 5.97
C SER F 179 3.91 17.61 7.33
N LEU F 180 2.56 17.57 7.46
CA LEU F 180 1.85 17.26 8.70
C LEU F 180 1.14 15.91 8.56
N GLN F 181 0.96 15.20 9.69
CA GLN F 181 0.26 13.94 9.76
C GLN F 181 -0.58 13.91 11.03
N THR F 182 -1.77 13.30 10.98
CA THR F 182 -2.61 13.00 12.12
C THR F 182 -3.24 11.63 11.89
N ALA F 183 -3.22 10.76 12.92
CA ALA F 183 -3.95 9.49 12.88
C ALA F 183 -5.23 9.52 13.74
N SER F 184 -6.24 8.75 13.35
CA SER F 184 -7.50 8.70 14.07
C SER F 184 -7.36 7.76 15.27
N ASN F 185 -8.46 7.64 16.02
CA ASN F 185 -8.60 6.60 17.00
C ASN F 185 -8.64 5.27 16.28
N PRO F 186 -8.33 4.16 16.99
CA PRO F 186 -8.37 2.85 16.35
C PRO F 186 -9.78 2.47 15.93
N ILE F 187 -9.84 1.65 14.85
CA ILE F 187 -11.08 1.05 14.34
C ILE F 187 -10.89 -0.45 14.29
N GLU F 188 -11.94 -1.16 14.74
CA GLU F 188 -12.00 -2.60 14.59
C GLU F 188 -12.61 -2.93 13.21
N CYS F 189 -11.89 -3.73 12.39
CA CYS F 189 -12.34 -3.98 11.03
C CYS F 189 -12.85 -5.40 10.87
N SER F 190 -12.84 -6.22 11.94
CA SER F 190 -13.36 -7.58 11.90
C SER F 190 -14.85 -7.66 12.27
N GLN F 191 -15.60 -8.40 11.45
CA GLN F 191 -17.01 -8.71 11.68
C GLN F 191 -17.17 -9.43 13.02
N ARG F 192 -16.38 -10.48 13.26
CA ARG F 192 -16.55 -11.29 14.46
C ARG F 192 -16.20 -10.48 15.71
N SER F 193 -15.07 -9.77 15.71
CA SER F 193 -14.68 -9.05 16.90
C SER F 193 -15.74 -7.99 17.23
N ALA F 194 -16.34 -7.37 16.20
CA ALA F 194 -17.44 -6.45 16.40
C ALA F 194 -18.67 -7.11 17.06
N HIS F 195 -19.01 -8.36 16.70
CA HIS F 195 -20.17 -9.03 17.29
C HIS F 195 -19.83 -9.46 18.71
N GLU F 196 -18.60 -9.92 18.93
CA GLU F 196 -18.31 -10.81 20.06
C GLU F 196 -17.53 -10.13 21.18
N LEU F 197 -16.70 -9.13 20.88
CA LEU F 197 -15.93 -8.44 21.91
C LEU F 197 -16.80 -7.38 22.56
N PRO F 198 -16.76 -7.25 23.91
CA PRO F 198 -17.47 -6.17 24.59
C PRO F 198 -16.70 -4.88 24.35
N MET F 199 -17.43 -3.77 24.26
CA MET F 199 -16.81 -2.50 23.90
C MET F 199 -17.30 -1.43 24.87
N VAL F 200 -16.37 -0.75 25.57
CA VAL F 200 -16.78 0.35 26.47
C VAL F 200 -16.60 1.67 25.72
N GLU F 201 -17.67 2.48 25.60
CA GLU F 201 -17.53 3.78 24.95
C GLU F 201 -17.58 4.90 25.98
N ARG F 202 -18.43 4.77 27.02
CA ARG F 202 -18.54 5.80 28.05
C ARG F 202 -18.56 5.16 29.44
N GLN F 203 -18.18 5.96 30.46
CA GLN F 203 -18.20 5.56 31.87
C GLN F 203 -18.90 6.66 32.68
N ASP F 204 -19.78 6.24 33.59
CA ASP F 204 -20.50 7.08 34.58
C ASP F 204 -19.47 7.84 35.46
N THR F 205 -18.32 7.19 35.75
CA THR F 205 -17.27 7.75 36.59
C THR F 205 -15.91 7.18 36.23
N ASP F 206 -14.85 7.94 36.60
CA ASP F 206 -13.46 7.50 36.46
C ASP F 206 -12.69 7.55 37.79
N SER F 207 -13.40 7.66 38.93
CA SER F 207 -12.81 7.70 40.27
C SER F 207 -13.81 7.44 41.40
N CYS F 208 -13.25 7.05 42.54
CA CYS F 208 -13.99 6.56 43.71
C CYS F 208 -13.05 6.63 44.91
N LEU F 209 -13.60 6.83 46.11
CA LEU F 209 -12.82 6.61 47.33
C LEU F 209 -12.42 5.13 47.39
N VAL F 210 -11.34 4.82 48.15
CA VAL F 210 -10.83 3.46 48.38
C VAL F 210 -11.91 2.51 48.92
N TYR F 211 -12.99 3.05 49.53
CA TYR F 211 -14.10 2.26 50.06
C TYR F 211 -14.81 1.51 48.95
N GLY F 212 -14.75 2.05 47.73
CA GLY F 212 -15.53 1.52 46.62
C GLY F 212 -17.02 1.51 46.98
N GLY F 213 -17.71 0.46 46.52
CA GLY F 213 -19.07 0.18 46.89
C GLY F 213 -20.07 1.12 46.24
N GLN F 214 -19.66 1.78 45.16
CA GLN F 214 -20.48 2.75 44.47
C GLN F 214 -20.74 2.23 43.04
N GLN F 215 -21.61 2.90 42.26
CA GLN F 215 -22.17 2.33 41.05
C GLN F 215 -21.61 3.03 39.81
N MET F 216 -20.93 2.24 38.94
CA MET F 216 -20.45 2.75 37.65
C MET F 216 -21.29 2.16 36.52
N ILE F 217 -21.84 3.02 35.66
CA ILE F 217 -22.47 2.61 34.40
C ILE F 217 -21.45 2.66 33.24
N LEU F 218 -21.29 1.51 32.58
CA LEU F 218 -20.58 1.44 31.31
C LEU F 218 -21.61 1.37 30.19
N THR F 219 -21.43 2.23 29.16
CA THR F 219 -22.25 2.10 27.97
C THR F 219 -21.33 1.71 26.82
N GLY F 220 -21.85 0.82 25.97
CA GLY F 220 -20.97 0.03 25.13
C GLY F 220 -21.77 -0.95 24.28
N GLN F 221 -21.21 -2.15 24.09
CA GLN F 221 -21.73 -3.07 23.08
C GLN F 221 -21.37 -4.51 23.44
N ASN F 222 -22.28 -5.42 23.07
CA ASN F 222 -22.14 -6.87 23.23
C ASN F 222 -21.95 -7.22 24.70
N PHE F 223 -22.73 -6.59 25.61
CA PHE F 223 -22.78 -6.97 27.01
C PHE F 223 -23.83 -8.05 27.17
N THR F 224 -23.68 -8.94 28.17
CA THR F 224 -24.57 -10.07 28.37
C THR F 224 -24.72 -10.31 29.86
N SER F 225 -25.61 -11.24 30.21
CA SER F 225 -25.72 -11.76 31.56
C SER F 225 -24.69 -12.86 31.83
N GLU F 226 -23.73 -13.05 30.90
CA GLU F 226 -22.52 -13.82 31.17
C GLU F 226 -21.29 -12.89 31.20
N SER F 227 -21.52 -11.56 31.14
CA SER F 227 -20.46 -10.55 31.16
C SER F 227 -19.93 -10.32 32.58
N LYS F 228 -18.63 -10.04 32.66
CA LYS F 228 -17.92 -9.82 33.91
C LYS F 228 -17.01 -8.60 33.76
N VAL F 229 -16.57 -8.05 34.89
CA VAL F 229 -15.75 -6.83 34.94
C VAL F 229 -14.66 -7.03 35.98
N VAL F 230 -13.42 -6.74 35.60
CA VAL F 230 -12.26 -7.07 36.42
C VAL F 230 -11.35 -5.83 36.48
N PHE F 231 -10.98 -5.44 37.71
CA PHE F 231 -10.06 -4.35 37.98
C PHE F 231 -8.67 -4.92 38.22
N THR F 232 -7.64 -4.22 37.76
CA THR F 232 -6.28 -4.73 37.82
C THR F 232 -5.32 -3.59 38.13
N GLU F 233 -4.06 -3.93 38.48
CA GLU F 233 -3.01 -2.94 38.63
C GLU F 233 -1.71 -3.61 38.17
N LYS F 234 -0.92 -2.91 37.34
CA LYS F 234 0.46 -3.27 37.05
C LYS F 234 1.38 -2.45 37.95
N THR F 235 2.70 -2.67 37.86
CA THR F 235 3.66 -1.75 38.43
C THR F 235 4.24 -0.92 37.28
N THR F 236 4.91 0.19 37.64
CA THR F 236 5.68 1.00 36.71
C THR F 236 6.41 0.07 35.74
N ASP F 237 6.87 -1.07 36.27
CA ASP F 237 7.50 -2.14 35.51
C ASP F 237 6.57 -2.70 34.44
N GLY F 238 5.43 -3.28 34.85
CA GLY F 238 4.48 -3.86 33.90
C GLY F 238 3.76 -5.11 34.41
N GLN F 239 4.24 -5.70 35.53
CA GLN F 239 3.71 -6.97 36.02
C GLN F 239 2.47 -6.74 36.89
N GLN F 240 1.52 -7.69 36.84
CA GLN F 240 0.30 -7.66 37.63
C GLN F 240 0.59 -7.72 39.12
N ILE F 241 -0.15 -6.93 39.93
CA ILE F 241 -0.01 -6.94 41.38
C ILE F 241 -1.38 -6.84 42.06
N TRP F 242 -2.47 -6.87 41.29
CA TRP F 242 -3.82 -6.81 41.84
C TRP F 242 -4.82 -7.25 40.77
N GLU F 243 -5.88 -7.93 41.22
CA GLU F 243 -6.94 -8.42 40.37
C GLU F 243 -8.19 -8.60 41.23
N MET F 244 -9.31 -8.01 40.80
CA MET F 244 -10.52 -8.08 41.62
C MET F 244 -11.75 -7.92 40.73
N GLU F 245 -12.57 -8.98 40.67
CA GLU F 245 -13.82 -8.94 39.95
C GLU F 245 -14.79 -8.00 40.68
N ALA F 246 -15.36 -7.06 39.92
CA ALA F 246 -16.45 -6.21 40.36
C ALA F 246 -17.77 -6.91 40.04
N THR F 247 -18.78 -6.68 40.89
CA THR F 247 -20.06 -7.35 40.71
C THR F 247 -21.03 -6.46 39.93
N VAL F 248 -21.84 -7.14 39.10
CA VAL F 248 -22.69 -6.55 38.09
C VAL F 248 -24.14 -6.84 38.50
N ASP F 249 -24.96 -5.80 38.79
CA ASP F 249 -26.40 -6.00 38.93
C ASP F 249 -26.92 -6.45 37.57
N LYS F 250 -27.21 -7.76 37.47
CA LYS F 250 -27.65 -8.36 36.23
C LYS F 250 -29.12 -7.97 36.02
N ASP F 251 -29.87 -7.79 37.12
CA ASP F 251 -31.29 -7.44 37.08
C ASP F 251 -31.50 -6.12 36.30
N LYS F 252 -30.47 -5.25 36.22
CA LYS F 252 -30.59 -3.91 35.63
C LYS F 252 -29.81 -3.79 34.32
N SER F 253 -28.88 -4.72 34.04
CA SER F 253 -27.91 -4.57 32.95
C SER F 253 -28.52 -5.04 31.62
N GLN F 254 -28.04 -4.42 30.52
CA GLN F 254 -28.60 -4.57 29.18
C GLN F 254 -27.48 -4.97 28.20
N PRO F 255 -27.78 -5.17 26.89
CA PRO F 255 -26.75 -5.31 25.86
C PRO F 255 -25.78 -4.14 25.65
N ASN F 256 -26.20 -2.92 26.02
CA ASN F 256 -25.39 -1.72 25.79
C ASN F 256 -25.13 -0.98 27.12
N MET F 257 -25.49 -1.61 28.24
CA MET F 257 -25.39 -0.96 29.55
C MET F 257 -25.03 -1.97 30.62
N LEU F 258 -23.78 -1.87 31.09
CA LEU F 258 -23.32 -2.57 32.28
C LEU F 258 -23.42 -1.62 33.49
N PHE F 259 -24.03 -2.15 34.57
CA PHE F 259 -24.10 -1.51 35.88
C PHE F 259 -23.12 -2.24 36.79
N VAL F 260 -22.11 -1.52 37.30
CA VAL F 260 -20.96 -2.15 37.95
C VAL F 260 -20.76 -1.55 39.34
N GLU F 261 -20.51 -2.41 40.35
CA GLU F 261 -20.13 -1.97 41.68
C GLU F 261 -18.61 -1.93 41.80
N ILE F 262 -18.08 -0.72 42.09
CA ILE F 262 -16.64 -0.55 42.25
C ILE F 262 -16.17 -1.41 43.42
N PRO F 263 -15.13 -2.26 43.21
CA PRO F 263 -14.60 -3.06 44.30
C PRO F 263 -13.91 -2.10 45.27
N GLU F 264 -13.86 -2.51 46.54
CA GLU F 264 -12.93 -1.94 47.50
C GLU F 264 -11.51 -2.10 46.95
N TYR F 265 -10.68 -1.05 47.03
CA TYR F 265 -9.28 -1.13 46.64
C TYR F 265 -8.50 -1.90 47.71
N ARG F 266 -7.34 -2.44 47.31
CA ARG F 266 -6.58 -3.40 48.09
C ARG F 266 -5.92 -2.77 49.32
N ASN F 267 -5.68 -1.46 49.27
CA ASN F 267 -5.06 -0.73 50.36
C ASN F 267 -5.84 0.57 50.64
N LYS F 268 -6.75 0.52 51.63
CA LYS F 268 -7.49 1.69 52.09
C LYS F 268 -6.60 2.73 52.77
N HIS F 269 -5.28 2.50 52.86
CA HIS F 269 -4.39 3.37 53.64
C HIS F 269 -3.44 4.19 52.76
N ILE F 270 -3.71 4.24 51.45
CA ILE F 270 -2.97 5.10 50.52
C ILE F 270 -3.20 6.59 50.88
N ARG F 271 -2.16 7.40 50.64
CA ARG F 271 -2.14 8.83 50.95
C ARG F 271 -2.12 9.69 49.68
N THR F 272 -1.79 9.08 48.54
CA THR F 272 -2.00 9.71 47.25
C THR F 272 -2.86 8.78 46.41
N PRO F 273 -3.53 9.29 45.34
CA PRO F 273 -4.42 8.47 44.52
C PRO F 273 -3.63 7.49 43.66
N VAL F 274 -4.31 6.43 43.24
CA VAL F 274 -3.66 5.35 42.51
C VAL F 274 -4.43 5.09 41.20
N LYS F 275 -3.71 5.19 40.09
CA LYS F 275 -4.27 4.93 38.76
C LYS F 275 -4.30 3.39 38.57
N VAL F 276 -5.43 2.88 38.05
CA VAL F 276 -5.77 1.45 37.98
C VAL F 276 -6.50 1.22 36.65
N ASN F 277 -6.73 -0.05 36.25
CA ASN F 277 -7.51 -0.36 35.06
C ASN F 277 -8.66 -1.31 35.37
N PHE F 278 -9.74 -1.22 34.57
CA PHE F 278 -10.71 -2.30 34.47
C PHE F 278 -10.90 -2.73 33.01
N TYR F 279 -11.45 -3.93 32.81
CA TYR F 279 -11.91 -4.38 31.50
C TYR F 279 -13.12 -5.30 31.64
N VAL F 280 -13.84 -5.51 30.55
CA VAL F 280 -15.02 -6.37 30.52
C VAL F 280 -14.68 -7.65 29.74
N ILE F 281 -15.19 -8.79 30.22
CA ILE F 281 -14.86 -10.10 29.66
C ILE F 281 -16.14 -10.91 29.52
N ASN F 282 -16.29 -11.59 28.37
CA ASN F 282 -17.53 -12.25 27.98
C ASN F 282 -17.28 -13.74 27.75
N GLY F 283 -16.50 -14.36 28.65
CA GLY F 283 -15.90 -15.67 28.44
C GLY F 283 -14.39 -15.53 28.25
N LYS F 284 -13.69 -16.67 28.20
CA LYS F 284 -12.26 -16.72 28.47
C LYS F 284 -11.46 -15.74 27.61
N ARG F 285 -11.87 -15.46 26.38
CA ARG F 285 -11.00 -14.77 25.43
C ARG F 285 -11.54 -13.41 24.99
N LYS F 286 -12.62 -12.90 25.61
CA LYS F 286 -13.33 -11.78 25.01
C LYS F 286 -13.26 -10.55 25.91
N ARG F 287 -12.09 -9.89 25.92
CA ARG F 287 -11.87 -8.64 26.66
C ARG F 287 -12.21 -7.42 25.80
N SER F 288 -12.75 -6.39 26.49
CA SER F 288 -12.75 -5.04 25.93
C SER F 288 -11.32 -4.53 25.91
N GLN F 289 -11.12 -3.33 25.34
CA GLN F 289 -9.89 -2.61 25.59
C GLN F 289 -9.73 -2.41 27.11
N PRO F 290 -8.51 -2.06 27.64
CA PRO F 290 -8.40 -1.51 28.98
C PRO F 290 -9.09 -0.15 29.16
N GLN F 291 -9.69 0.04 30.35
CA GLN F 291 -10.28 1.31 30.75
C GLN F 291 -9.50 1.89 31.95
N HIS F 292 -9.85 3.11 32.35
CA HIS F 292 -8.98 3.87 33.22
C HIS F 292 -9.82 4.30 34.42
N PHE F 293 -9.18 4.24 35.60
CA PHE F 293 -9.88 4.53 36.84
C PHE F 293 -8.85 4.91 37.91
N THR F 294 -9.31 5.71 38.88
CA THR F 294 -8.48 6.25 39.92
C THR F 294 -9.19 6.10 41.26
N TYR F 295 -8.53 5.45 42.24
CA TYR F 295 -8.99 5.46 43.62
C TYR F 295 -8.33 6.61 44.38
N HIS F 296 -9.10 7.13 45.34
CA HIS F 296 -8.76 8.33 46.11
C HIS F 296 -8.62 7.98 47.59
N PRO F 297 -7.50 8.41 48.23
CA PRO F 297 -7.40 8.44 49.70
C PRO F 297 -8.64 9.05 50.36
N VAL F 298 -8.89 8.60 51.60
CA VAL F 298 -10.19 8.70 52.25
C VAL F 298 -10.07 9.52 53.56
#